data_9J7W
#
_entry.id   9J7W
#
_cell.length_a   1.00
_cell.length_b   1.00
_cell.length_c   1.00
_cell.angle_alpha   90.00
_cell.angle_beta   90.00
_cell.angle_gamma   90.00
#
_symmetry.space_group_name_H-M   'P 1'
#
loop_
_entity.id
_entity.type
_entity.pdbx_description
1 polymer KnChR
2 non-polymer 1,2-DIACYL-SN-GLYCERO-3-PHOSPHOCHOLINE
3 non-polymer RETINAL
4 water water
#
_entity_poly.entity_id   1
_entity_poly.type   'polypeptide(L)'
_entity_poly.pdbx_seq_one_letter_code
;SCYVADFLGMHHESHEGALYSVYKSLEWGCFLISIGLFVFYLQQYRKKTAGWEVIYIAFIESFKYIFEIFWPHNNPAQLN
IYGVNKSVPWVRYMEWMITCPVILMALSNISGEEGEYTHRSMQLLATDQGAILCAITAAASEGAISAVFYAIGVCYGICT
FYFCLQIYIEAYFTLPETCHSAVKWMAVIFYAGWLCYPCFFLAGSEGWGNLSYEGSAIGHCIADLLSKNAWGVMHWWIRC
QLEEYKHTHNGQLPHYSLETRAKMR
;
_entity_poly.pdbx_strand_id   A,C
#
# COMPACT_ATOMS: atom_id res chain seq x y z
N SER A 1 -21.79 13.84 -33.69
CA SER A 1 -21.40 12.83 -32.67
C SER A 1 -20.17 13.30 -31.89
N CYS A 2 -20.27 14.50 -31.31
CA CYS A 2 -19.19 15.07 -30.52
C CYS A 2 -19.26 14.55 -29.08
N TYR A 3 -18.17 14.76 -28.35
CA TYR A 3 -18.06 14.36 -26.95
C TYR A 3 -17.38 15.48 -26.18
N VAL A 4 -18.16 16.21 -25.38
CA VAL A 4 -17.60 17.19 -24.47
C VAL A 4 -17.29 16.50 -23.15
N ALA A 5 -16.22 16.94 -22.51
CA ALA A 5 -15.69 16.24 -21.34
C ALA A 5 -16.43 16.60 -20.07
N ASP A 6 -16.44 17.90 -19.74
CA ASP A 6 -17.08 18.37 -18.52
C ASP A 6 -16.50 17.68 -17.29
N PHE A 7 -15.19 17.77 -17.11
CA PHE A 7 -14.53 17.36 -15.89
C PHE A 7 -14.27 18.58 -15.02
N LEU A 8 -14.03 18.33 -13.74
CA LEU A 8 -13.72 19.43 -12.83
C LEU A 8 -12.47 20.15 -13.30
N GLY A 9 -12.56 21.48 -13.36
CA GLY A 9 -11.42 22.32 -13.67
C GLY A 9 -11.12 22.53 -15.13
N MET A 10 -11.98 22.07 -16.04
CA MET A 10 -11.79 22.30 -17.46
C MET A 10 -12.51 23.56 -17.90
N HIS A 11 -13.83 23.62 -17.74
CA HIS A 11 -14.54 24.85 -18.05
C HIS A 11 -14.26 25.90 -16.99
N HIS A 12 -13.99 27.12 -17.44
CA HIS A 12 -13.63 28.19 -16.51
C HIS A 12 -14.76 28.42 -15.50
N GLU A 13 -14.38 28.47 -14.23
CA GLU A 13 -15.31 28.76 -13.14
C GLU A 13 -14.93 30.07 -12.49
N SER A 14 -15.94 30.87 -12.19
CA SER A 14 -15.73 32.16 -11.53
C SER A 14 -15.41 31.86 -10.07
N HIS A 15 -14.12 31.64 -9.79
CA HIS A 15 -13.67 31.22 -8.47
C HIS A 15 -13.77 32.42 -7.54
N GLU A 16 -14.98 32.68 -7.06
CA GLU A 16 -15.22 33.82 -6.19
C GLU A 16 -16.24 33.40 -5.13
N GLY A 17 -16.24 34.15 -4.03
CA GLY A 17 -17.11 33.85 -2.90
C GLY A 17 -16.32 33.58 -1.64
N ALA A 18 -17.00 33.64 -0.49
CA ALA A 18 -16.33 33.39 0.78
C ALA A 18 -15.83 31.96 0.89
N LEU A 19 -16.58 31.01 0.32
CA LEU A 19 -16.20 29.61 0.44
C LEU A 19 -14.86 29.33 -0.24
N TYR A 20 -14.65 29.91 -1.43
CA TYR A 20 -13.38 29.72 -2.11
C TYR A 20 -12.22 30.34 -1.31
N SER A 21 -12.46 31.51 -0.72
CA SER A 21 -11.43 32.14 0.09
C SER A 21 -11.06 31.27 1.27
N VAL A 22 -12.06 30.75 1.98
CA VAL A 22 -11.79 29.84 3.09
C VAL A 22 -11.05 28.60 2.59
N TYR A 23 -11.44 28.10 1.42
CA TYR A 23 -10.81 26.91 0.85
C TYR A 23 -9.32 27.13 0.66
N LYS A 24 -8.96 28.20 -0.06
CA LYS A 24 -7.56 28.46 -0.34
C LYS A 24 -6.79 28.76 0.95
N SER A 25 -7.40 29.52 1.86
CA SER A 25 -6.73 29.82 3.11
C SER A 25 -6.44 28.56 3.91
N LEU A 26 -7.38 27.62 3.93
CA LEU A 26 -7.17 26.38 4.66
C LEU A 26 -6.11 25.50 3.99
N GLU A 27 -6.09 25.44 2.65
CA GLU A 27 -4.99 24.71 2.01
C GLU A 27 -3.64 25.31 2.37
N TRP A 28 -3.52 26.64 2.30
CA TRP A 28 -2.26 27.27 2.61
C TRP A 28 -1.87 27.02 4.06
N GLY A 29 -2.85 27.11 4.97
CA GLY A 29 -2.55 26.85 6.36
C GLY A 29 -2.11 25.43 6.62
N CYS A 30 -2.77 24.46 5.99
CA CYS A 30 -2.36 23.07 6.15
C CYS A 30 -0.94 22.86 5.62
N PHE A 31 -0.63 23.43 4.46
CA PHE A 31 0.73 23.33 3.94
C PHE A 31 1.74 23.91 4.92
N LEU A 32 1.44 25.09 5.46
CA LEU A 32 2.37 25.74 6.37
C LEU A 32 2.56 24.94 7.66
N ILE A 33 1.47 24.44 8.22
CA ILE A 33 1.57 23.61 9.42
C ILE A 33 2.37 22.35 9.14
N SER A 34 2.13 21.72 7.99
CA SER A 34 2.85 20.50 7.67
C SER A 34 4.35 20.75 7.53
N ILE A 35 4.73 21.82 6.83
CA ILE A 35 6.15 22.09 6.64
C ILE A 35 6.81 22.49 7.95
N GLY A 36 6.13 23.30 8.77
CA GLY A 36 6.67 23.63 10.07
C GLY A 36 6.84 22.44 10.97
N LEU A 37 5.86 21.53 10.98
CA LEU A 37 5.98 20.30 11.75
C LEU A 37 7.11 19.44 11.21
N PHE A 38 7.31 19.43 9.90
CA PHE A 38 8.42 18.71 9.31
C PHE A 38 9.75 19.21 9.87
N VAL A 39 9.94 20.54 9.87
CA VAL A 39 11.18 21.11 10.40
C VAL A 39 11.31 20.80 11.89
N PHE A 40 10.21 20.94 12.64
CA PHE A 40 10.26 20.73 14.07
C PHE A 40 10.62 19.28 14.41
N TYR A 41 10.03 18.33 13.70
CA TYR A 41 10.36 16.93 13.87
C TYR A 41 11.81 16.64 13.45
N LEU A 42 12.30 17.28 12.40
CA LEU A 42 13.70 17.12 12.04
C LEU A 42 14.62 17.58 13.16
N GLN A 43 14.31 18.69 13.80
CA GLN A 43 15.09 19.12 14.96
C GLN A 43 14.95 18.15 16.14
N GLN A 44 13.76 17.59 16.35
CA GLN A 44 13.53 16.69 17.47
C GLN A 44 14.06 15.28 17.24
N TYR A 45 14.44 14.95 16.00
CA TYR A 45 14.86 13.59 15.68
C TYR A 45 15.96 13.10 16.61
N ARG A 46 16.97 13.93 16.87
CA ARG A 46 18.13 13.47 17.63
C ARG A 46 17.79 13.09 19.07
N LYS A 47 16.65 13.55 19.59
CA LYS A 47 16.23 13.19 20.93
C LYS A 47 15.33 11.96 20.95
N LYS A 48 15.16 11.29 19.82
CA LYS A 48 14.40 10.04 19.74
C LYS A 48 12.97 10.22 20.23
N THR A 49 12.40 11.39 19.96
CA THR A 49 11.01 11.68 20.26
C THR A 49 10.14 11.73 19.01
N ALA A 50 10.71 12.09 17.86
CA ALA A 50 10.01 12.10 16.60
C ALA A 50 10.64 11.06 15.69
N GLY A 51 9.89 10.01 15.38
CA GLY A 51 10.36 8.98 14.49
C GLY A 51 10.25 9.39 13.05
N TRP A 52 10.81 8.54 12.18
CA TRP A 52 10.77 8.79 10.75
C TRP A 52 9.34 8.81 10.20
N GLU A 53 8.40 8.17 10.89
CA GLU A 53 7.04 8.08 10.37
C GLU A 53 6.37 9.45 10.30
N VAL A 54 6.44 10.22 11.39
CA VAL A 54 5.80 11.53 11.38
C VAL A 54 6.50 12.47 10.41
N ILE A 55 7.82 12.39 10.32
CA ILE A 55 8.56 13.22 9.37
C ILE A 55 8.13 12.91 7.95
N TYR A 56 8.06 11.62 7.61
CA TYR A 56 7.61 11.22 6.28
C TYR A 56 6.18 11.67 6.00
N ILE A 57 5.30 11.54 7.01
CA ILE A 57 3.92 11.95 6.83
C ILE A 57 3.84 13.45 6.54
N ALA A 58 4.55 14.25 7.32
CA ALA A 58 4.54 15.70 7.12
C ALA A 58 5.11 16.07 5.76
N PHE A 59 6.21 15.42 5.37
CA PHE A 59 6.83 15.65 4.07
C PHE A 59 5.84 15.40 2.94
N ILE A 60 5.21 14.22 2.96
CA ILE A 60 4.31 13.83 1.89
C ILE A 60 3.08 14.73 1.88
N GLU A 61 2.58 15.10 3.06
CA GLU A 61 1.44 16.00 3.15
C GLU A 61 1.77 17.37 2.59
N SER A 62 2.98 17.86 2.85
CA SER A 62 3.40 19.15 2.31
C SER A 62 3.41 19.13 0.78
N PHE A 63 3.97 18.08 0.19
CA PHE A 63 3.90 17.97 -1.28
C PHE A 63 2.47 17.86 -1.77
N LYS A 64 1.66 17.03 -1.10
CA LYS A 64 0.25 16.91 -1.48
C LYS A 64 -0.40 18.28 -1.54
N TYR A 65 -0.21 19.09 -0.50
CA TYR A 65 -0.91 20.37 -0.44
C TYR A 65 -0.32 21.41 -1.37
N ILE A 66 0.98 21.38 -1.64
CA ILE A 66 1.50 22.33 -2.62
C ILE A 66 0.96 22.01 -4.01
N PHE A 67 0.88 20.72 -4.35
CA PHE A 67 0.32 20.34 -5.63
C PHE A 67 -1.17 20.70 -5.70
N GLU A 68 -1.92 20.46 -4.62
CA GLU A 68 -3.30 20.94 -4.56
C GLU A 68 -3.40 22.44 -4.80
N ILE A 69 -2.57 23.23 -4.13
CA ILE A 69 -2.69 24.68 -4.27
C ILE A 69 -2.44 25.10 -5.70
N PHE A 70 -1.38 24.58 -6.32
CA PHE A 70 -0.96 25.12 -7.60
C PHE A 70 -1.44 24.31 -8.80
N TRP A 71 -1.58 23.00 -8.67
CA TRP A 71 -2.04 22.20 -9.80
C TRP A 71 -3.09 21.19 -9.34
N PRO A 72 -4.20 21.66 -8.76
CA PRO A 72 -5.23 20.72 -8.29
C PRO A 72 -5.87 19.91 -9.39
N HIS A 73 -6.01 20.47 -10.58
CA HIS A 73 -6.79 19.86 -11.64
C HIS A 73 -5.97 19.38 -12.82
N ASN A 74 -4.70 19.77 -12.92
CA ASN A 74 -3.84 19.23 -13.95
C ASN A 74 -3.42 17.80 -13.60
N ASN A 75 -3.51 16.93 -14.59
CA ASN A 75 -3.09 15.57 -14.33
C ASN A 75 -1.59 15.50 -14.12
N PRO A 76 -1.08 14.51 -13.40
CA PRO A 76 -1.76 13.32 -12.87
C PRO A 76 -2.46 13.54 -11.54
N ALA A 77 -2.48 14.78 -11.05
CA ALA A 77 -3.16 15.07 -9.80
C ALA A 77 -4.67 14.84 -9.91
N GLN A 78 -5.25 15.14 -11.06
CA GLN A 78 -6.65 14.85 -11.37
C GLN A 78 -6.69 13.81 -12.47
N LEU A 79 -7.22 12.62 -12.16
CA LEU A 79 -7.40 11.58 -13.15
C LEU A 79 -8.79 11.72 -13.77
N ASN A 80 -8.84 12.03 -15.07
CA ASN A 80 -10.08 12.20 -15.78
C ASN A 80 -10.43 10.90 -16.48
N ILE A 81 -11.53 10.29 -16.07
CA ILE A 81 -11.94 8.97 -16.56
C ILE A 81 -13.10 9.17 -17.53
N TYR A 82 -12.93 8.61 -18.73
CA TYR A 82 -13.70 9.03 -19.90
C TYR A 82 -15.12 8.46 -19.90
N GLY A 83 -15.25 7.14 -19.96
CA GLY A 83 -16.55 6.53 -20.14
C GLY A 83 -17.45 6.82 -18.96
N VAL A 84 -16.84 6.86 -17.77
CA VAL A 84 -17.58 7.18 -16.55
C VAL A 84 -17.69 8.67 -16.33
N ASN A 85 -16.90 9.49 -17.02
CA ASN A 85 -16.96 10.94 -16.90
C ASN A 85 -16.72 11.37 -15.45
N LYS A 86 -15.69 10.81 -14.84
CA LYS A 86 -15.39 11.11 -13.44
C LYS A 86 -14.03 11.79 -13.30
N SER A 87 -13.88 12.48 -12.17
CA SER A 87 -12.68 13.23 -11.84
C SER A 87 -12.16 12.73 -10.49
N VAL A 88 -11.14 11.88 -10.54
CA VAL A 88 -10.59 11.24 -9.35
C VAL A 88 -9.47 12.11 -8.81
N PRO A 89 -9.51 12.50 -7.54
CA PRO A 89 -8.36 13.20 -6.95
C PRO A 89 -7.23 12.23 -6.65
N TRP A 90 -6.45 11.90 -7.68
CA TRP A 90 -5.42 10.89 -7.53
C TRP A 90 -4.33 11.33 -6.57
N VAL A 91 -4.03 12.63 -6.51
CA VAL A 91 -3.04 13.10 -5.56
C VAL A 91 -3.49 12.80 -4.13
N ARG A 92 -4.77 13.04 -3.84
CA ARG A 92 -5.31 12.76 -2.51
C ARG A 92 -5.19 11.28 -2.16
N TYR A 93 -5.55 10.41 -3.09
CA TYR A 93 -5.57 8.97 -2.79
C TYR A 93 -4.16 8.41 -2.74
N MET A 94 -3.26 8.93 -3.57
CA MET A 94 -1.85 8.58 -3.46
C MET A 94 -1.30 8.96 -2.10
N GLU A 95 -1.63 10.17 -1.62
CA GLU A 95 -1.18 10.58 -0.30
C GLU A 95 -1.77 9.68 0.79
N TRP A 96 -3.05 9.31 0.65
CA TRP A 96 -3.63 8.35 1.57
C TRP A 96 -2.85 7.05 1.58
N MET A 97 -2.59 6.49 0.41
CA MET A 97 -1.88 5.21 0.34
C MET A 97 -0.50 5.32 0.96
N ILE A 98 0.18 6.45 0.78
CA ILE A 98 1.50 6.61 1.39
C ILE A 98 1.40 6.70 2.90
N THR A 99 0.49 7.53 3.41
CA THR A 99 0.50 7.89 4.83
C THR A 99 -0.22 6.89 5.72
N CYS A 100 -1.39 6.42 5.33
CA CYS A 100 -2.16 5.53 6.20
C CYS A 100 -1.34 4.33 6.66
N PRO A 101 -0.61 3.63 5.79
CA PRO A 101 0.29 2.58 6.28
C PRO A 101 1.30 3.10 7.28
N VAL A 102 1.87 4.28 7.03
CA VAL A 102 2.86 4.83 7.95
C VAL A 102 2.22 5.24 9.27
N ILE A 103 0.99 5.77 9.23
CA ILE A 103 0.29 6.06 10.47
C ILE A 103 0.07 4.78 11.27
N LEU A 104 -0.36 3.70 10.61
CA LEU A 104 -0.56 2.45 11.33
C LEU A 104 0.74 1.87 11.85
N MET A 105 1.83 2.01 11.10
CA MET A 105 3.14 1.54 11.57
C MET A 105 3.58 2.32 12.79
N ALA A 106 3.39 3.63 12.79
CA ALA A 106 3.70 4.44 13.97
C ALA A 106 2.83 4.05 15.15
N LEU A 107 1.55 3.78 14.89
CA LEU A 107 0.66 3.32 15.96
C LEU A 107 1.16 2.01 16.57
N SER A 108 1.57 1.08 15.72
CA SER A 108 2.14 -0.18 16.21
C SER A 108 3.50 0.00 16.83
N ASN A 109 4.17 1.13 16.60
CA ASN A 109 5.47 1.45 17.18
C ASN A 109 5.38 2.70 18.03
N ILE A 110 4.34 2.78 18.87
CA ILE A 110 4.11 3.98 19.65
C ILE A 110 5.27 4.27 20.60
N SER A 111 5.98 3.23 21.03
CA SER A 111 7.04 3.39 22.03
C SER A 111 8.43 3.42 21.41
N GLY A 112 8.63 2.70 20.31
CA GLY A 112 9.88 2.73 19.59
C GLY A 112 10.82 1.57 19.85
N GLU A 113 10.45 0.64 20.73
CA GLU A 113 11.34 -0.47 21.03
C GLU A 113 11.29 -1.52 19.93
N GLU A 114 12.23 -2.46 20.01
CA GLU A 114 12.34 -3.55 19.06
C GLU A 114 11.65 -4.78 19.63
N GLY A 115 11.10 -5.61 18.75
CA GLY A 115 10.40 -6.80 19.16
C GLY A 115 8.95 -6.59 19.54
N GLU A 116 8.43 -5.36 19.43
CA GLU A 116 7.04 -5.09 19.75
C GLU A 116 6.10 -5.32 18.58
N TYR A 117 6.63 -5.43 17.36
CA TYR A 117 5.78 -5.73 16.22
C TYR A 117 5.27 -7.17 16.27
N THR A 118 4.15 -7.41 15.58
CA THR A 118 3.50 -8.69 15.60
C THR A 118 2.90 -8.98 14.22
N HIS A 119 2.39 -10.20 14.07
CA HIS A 119 1.75 -10.58 12.81
C HIS A 119 0.50 -9.74 12.58
N ARG A 120 -0.21 -9.41 13.67
CA ARG A 120 -1.43 -8.62 13.57
C ARG A 120 -1.16 -7.23 12.99
N SER A 121 0.04 -6.68 13.22
CA SER A 121 0.41 -5.42 12.58
C SER A 121 0.41 -5.55 11.07
N MET A 122 0.99 -6.64 10.57
CA MET A 122 1.03 -6.90 9.14
C MET A 122 -0.36 -7.13 8.57
N GLN A 123 -1.20 -7.87 9.30
CA GLN A 123 -2.58 -8.04 8.86
C GLN A 123 -3.32 -6.71 8.82
N LEU A 124 -3.10 -5.85 9.81
CA LEU A 124 -3.66 -4.51 9.81
C LEU A 124 -3.24 -3.74 8.58
N LEU A 125 -1.96 -3.80 8.24
CA LEU A 125 -1.47 -3.11 7.06
C LEU A 125 -2.15 -3.63 5.80
N ALA A 126 -2.32 -4.95 5.70
CA ALA A 126 -2.99 -5.54 4.56
C ALA A 126 -4.43 -5.05 4.44
N THR A 127 -5.15 -5.03 5.57
CA THR A 127 -6.55 -4.57 5.54
C THR A 127 -6.65 -3.10 5.15
N ASP A 128 -5.75 -2.26 5.68
CA ASP A 128 -5.76 -0.86 5.28
C ASP A 128 -5.48 -0.71 3.78
N GLN A 129 -4.52 -1.48 3.28
CA GLN A 129 -4.22 -1.47 1.85
C GLN A 129 -5.47 -1.79 1.04
N GLY A 130 -6.15 -2.89 1.39
CA GLY A 130 -7.36 -3.26 0.67
C GLY A 130 -8.43 -2.21 0.75
N ALA A 131 -8.64 -1.65 1.94
CA ALA A 131 -9.64 -0.60 2.11
C ALA A 131 -9.39 0.56 1.18
N ILE A 132 -8.17 1.10 1.18
CA ILE A 132 -7.90 2.29 0.37
C ILE A 132 -7.95 1.95 -1.12
N LEU A 133 -7.45 0.77 -1.51
CA LEU A 133 -7.52 0.39 -2.92
C LEU A 133 -8.97 0.28 -3.39
N CYS A 134 -9.83 -0.33 -2.58
CA CYS A 134 -11.24 -0.43 -2.95
C CYS A 134 -11.90 0.93 -2.97
N ALA A 135 -11.50 1.84 -2.08
CA ALA A 135 -12.01 3.20 -2.15
C ALA A 135 -11.64 3.86 -3.47
N ILE A 136 -10.39 3.70 -3.90
CA ILE A 136 -9.99 4.27 -5.19
C ILE A 136 -10.79 3.65 -6.32
N THR A 137 -10.95 2.32 -6.30
CA THR A 137 -11.70 1.67 -7.37
C THR A 137 -13.13 2.16 -7.42
N ALA A 138 -13.76 2.34 -6.26
CA ALA A 138 -15.11 2.91 -6.23
C ALA A 138 -15.12 4.32 -6.77
N ALA A 139 -14.10 5.11 -6.45
CA ALA A 139 -14.03 6.47 -6.96
C ALA A 139 -13.91 6.51 -8.47
N ALA A 140 -13.19 5.55 -9.05
CA ALA A 140 -12.96 5.54 -10.49
C ALA A 140 -14.05 4.86 -11.29
N SER A 141 -15.03 4.24 -10.64
CA SER A 141 -16.09 3.51 -11.30
C SER A 141 -17.43 4.21 -11.07
N GLU A 142 -18.50 3.58 -11.58
CA GLU A 142 -19.85 4.08 -11.43
C GLU A 142 -20.82 2.92 -11.26
N GLY A 143 -22.00 3.25 -10.75
CA GLY A 143 -23.07 2.27 -10.64
C GLY A 143 -22.86 1.24 -9.54
N ALA A 144 -23.40 0.04 -9.77
CA ALA A 144 -23.32 -1.02 -8.78
C ALA A 144 -21.89 -1.43 -8.48
N ILE A 145 -20.98 -1.31 -9.44
CA ILE A 145 -19.58 -1.64 -9.21
C ILE A 145 -19.01 -0.79 -8.08
N SER A 146 -19.28 0.52 -8.14
CA SER A 146 -18.79 1.42 -7.12
C SER A 146 -19.36 1.08 -5.75
N ALA A 147 -20.66 0.78 -5.69
CA ALA A 147 -21.26 0.43 -4.41
C ALA A 147 -20.67 -0.85 -3.84
N VAL A 148 -20.45 -1.86 -4.69
CA VAL A 148 -19.85 -3.11 -4.22
C VAL A 148 -18.45 -2.87 -3.69
N PHE A 149 -17.66 -2.09 -4.41
CA PHE A 149 -16.29 -1.82 -3.95
C PHE A 149 -16.29 -1.00 -2.68
N TYR A 150 -17.24 -0.07 -2.56
CA TYR A 150 -17.39 0.68 -1.31
C TYR A 150 -17.70 -0.24 -0.15
N ALA A 151 -18.58 -1.21 -0.38
CA ALA A 151 -18.92 -2.17 0.67
C ALA A 151 -17.71 -3.01 1.08
N ILE A 152 -16.95 -3.50 0.10
CA ILE A 152 -15.78 -4.29 0.43
C ILE A 152 -14.77 -3.44 1.20
N GLY A 153 -14.56 -2.20 0.76
CA GLY A 153 -13.69 -1.30 1.49
C GLY A 153 -14.18 -1.05 2.90
N VAL A 154 -15.50 -0.94 3.09
CA VAL A 154 -16.05 -0.77 4.42
C VAL A 154 -15.75 -1.98 5.29
N CYS A 155 -15.88 -3.18 4.74
CA CYS A 155 -15.54 -4.37 5.53
C CYS A 155 -14.07 -4.36 5.94
N TYR A 156 -13.19 -4.08 4.98
CA TYR A 156 -11.77 -3.93 5.28
C TYR A 156 -11.56 -2.89 6.39
N GLY A 157 -12.29 -1.77 6.31
CA GLY A 157 -12.12 -0.71 7.28
C GLY A 157 -12.60 -1.10 8.67
N ILE A 158 -13.69 -1.87 8.74
CA ILE A 158 -14.15 -2.36 10.03
C ILE A 158 -13.08 -3.26 10.66
N CYS A 159 -12.48 -4.13 9.86
CA CYS A 159 -11.41 -4.96 10.39
C CYS A 159 -10.24 -4.11 10.86
N THR A 160 -9.87 -3.10 10.06
CA THR A 160 -8.76 -2.22 10.41
C THR A 160 -9.03 -1.47 11.70
N PHE A 161 -10.26 -0.97 11.85
CA PHE A 161 -10.64 -0.24 13.05
C PHE A 161 -10.63 -1.14 14.28
N TYR A 162 -11.10 -2.38 14.14
CA TYR A 162 -11.02 -3.32 15.26
C TYR A 162 -9.57 -3.56 15.68
N PHE A 163 -8.69 -3.76 14.70
CA PHE A 163 -7.28 -3.97 15.02
C PHE A 163 -6.68 -2.75 15.72
N CYS A 164 -7.00 -1.56 15.21
CA CYS A 164 -6.47 -0.33 15.80
C CYS A 164 -7.00 -0.13 17.21
N LEU A 165 -8.26 -0.48 17.46
CA LEU A 165 -8.80 -0.41 18.80
C LEU A 165 -8.04 -1.33 19.74
N GLN A 166 -7.73 -2.55 19.28
CA GLN A 166 -6.93 -3.45 20.10
C GLN A 166 -5.57 -2.84 20.42
N ILE A 167 -4.93 -2.24 19.41
CA ILE A 167 -3.64 -1.61 19.63
C ILE A 167 -3.75 -0.50 20.67
N TYR A 168 -4.79 0.33 20.56
CA TYR A 168 -4.95 1.45 21.48
C TYR A 168 -5.17 0.96 22.90
N ILE A 169 -5.99 -0.08 23.08
CA ILE A 169 -6.22 -0.60 24.43
C ILE A 169 -4.94 -1.18 24.99
N GLU A 170 -4.16 -1.90 24.18
CA GLU A 170 -2.90 -2.44 24.65
C GLU A 170 -1.94 -1.32 25.05
N ALA A 171 -1.87 -0.25 24.25
CA ALA A 171 -1.03 0.87 24.59
C ALA A 171 -1.47 1.52 25.89
N TYR A 172 -2.77 1.67 26.08
CA TYR A 172 -3.30 2.25 27.31
C TYR A 172 -2.93 1.42 28.53
N PHE A 173 -3.03 0.09 28.44
CA PHE A 173 -2.76 -0.74 29.61
C PHE A 173 -1.29 -1.12 29.77
N THR A 174 -0.43 -0.80 28.80
CA THR A 174 1.00 -1.05 28.92
C THR A 174 1.81 0.21 29.17
N LEU A 175 1.47 1.32 28.53
CA LEU A 175 2.23 2.54 28.70
C LEU A 175 2.04 3.10 30.11
N PRO A 176 2.98 3.93 30.57
CA PRO A 176 2.87 4.50 31.91
C PRO A 176 1.55 5.25 32.10
N GLU A 177 1.20 5.45 33.38
CA GLU A 177 -0.04 6.15 33.71
C GLU A 177 -0.04 7.57 33.15
N THR A 178 1.12 8.24 33.16
CA THR A 178 1.21 9.64 32.77
C THR A 178 0.72 9.85 31.34
N CYS A 179 0.76 8.81 30.52
CA CYS A 179 0.37 8.90 29.13
C CYS A 179 -1.10 8.55 28.89
N HIS A 180 -1.79 7.97 29.87
CA HIS A 180 -3.12 7.43 29.62
C HIS A 180 -4.02 8.47 28.96
N SER A 181 -4.14 9.65 29.57
CA SER A 181 -4.99 10.67 29.00
C SER A 181 -4.63 10.92 27.54
N ALA A 182 -3.34 11.16 27.26
CA ALA A 182 -2.93 11.41 25.89
C ALA A 182 -3.44 10.31 24.97
N VAL A 183 -3.24 9.05 25.36
CA VAL A 183 -3.65 7.95 24.49
C VAL A 183 -5.11 8.10 24.13
N LYS A 184 -5.98 8.32 25.13
CA LYS A 184 -7.39 8.47 24.82
C LYS A 184 -7.59 9.51 23.74
N TRP A 185 -7.02 10.69 23.93
CA TRP A 185 -7.22 11.76 22.96
C TRP A 185 -6.74 11.32 21.59
N MET A 186 -5.57 10.71 21.52
CA MET A 186 -5.07 10.27 20.22
C MET A 186 -6.07 9.34 19.57
N ALA A 187 -6.60 8.38 20.33
CA ALA A 187 -7.61 7.49 19.79
C ALA A 187 -8.76 8.27 19.19
N VAL A 188 -9.28 9.24 19.94
CA VAL A 188 -10.37 10.06 19.41
C VAL A 188 -9.94 10.71 18.11
N ILE A 189 -8.76 11.34 18.12
CA ILE A 189 -8.27 12.01 16.92
C ILE A 189 -8.13 11.01 15.79
N PHE A 190 -7.80 9.76 16.11
CA PHE A 190 -7.70 8.74 15.08
C PHE A 190 -9.07 8.40 14.50
N TYR A 191 -10.08 8.30 15.36
CA TYR A 191 -11.38 7.84 14.89
C TYR A 191 -12.25 8.99 14.41
N ALA A 192 -12.10 10.16 15.03
CA ALA A 192 -12.82 11.33 14.54
C ALA A 192 -12.35 11.71 13.14
N GLY A 193 -11.04 11.66 12.90
CA GLY A 193 -10.53 12.04 11.60
C GLY A 193 -10.82 10.99 10.53
N TRP A 194 -10.40 9.75 10.78
CA TRP A 194 -10.57 8.71 9.77
C TRP A 194 -12.01 8.55 9.34
N LEU A 195 -12.94 8.51 10.30
CA LEU A 195 -14.34 8.33 9.99
C LEU A 195 -14.90 9.45 9.11
N CYS A 196 -14.22 10.59 9.03
CA CYS A 196 -14.68 11.66 8.17
C CYS A 196 -14.51 11.31 6.70
N TYR A 197 -13.44 10.59 6.36
CA TYR A 197 -13.16 10.32 4.95
C TYR A 197 -14.24 9.48 4.28
N PRO A 198 -14.72 8.39 4.88
CA PRO A 198 -15.80 7.62 4.23
C PRO A 198 -17.04 8.44 3.93
N CYS A 199 -17.43 9.34 4.83
CA CYS A 199 -18.64 10.14 4.64
C CYS A 199 -18.51 11.19 3.54
N PHE A 200 -17.41 11.96 3.53
CA PHE A 200 -17.20 12.89 2.43
C PHE A 200 -17.25 12.18 1.08
N PHE A 201 -16.66 10.98 1.02
CA PHE A 201 -16.72 10.18 -0.20
C PHE A 201 -18.17 10.03 -0.68
N LEU A 202 -19.08 9.70 0.23
CA LEU A 202 -20.47 9.52 -0.16
C LEU A 202 -21.10 10.84 -0.61
N ALA A 203 -20.64 11.95 -0.05
CA ALA A 203 -21.29 13.24 -0.28
C ALA A 203 -20.70 14.01 -1.46
N GLY A 204 -19.58 13.57 -2.02
CA GLY A 204 -18.90 14.29 -3.07
C GLY A 204 -19.28 13.82 -4.46
N SER A 205 -18.59 14.40 -5.45
CA SER A 205 -18.78 13.96 -6.83
C SER A 205 -18.42 12.50 -7.00
N GLU A 206 -17.32 12.06 -6.39
CA GLU A 206 -17.12 10.65 -6.11
C GLU A 206 -18.20 10.21 -5.14
N GLY A 207 -18.69 9.00 -5.32
CA GLY A 207 -19.84 8.56 -4.57
C GLY A 207 -21.13 8.95 -5.24
N TRP A 208 -22.09 9.37 -4.41
CA TRP A 208 -23.45 9.63 -4.86
C TRP A 208 -24.02 10.90 -4.24
N GLY A 209 -23.14 11.82 -3.84
CA GLY A 209 -23.58 13.09 -3.29
C GLY A 209 -23.31 14.25 -4.24
N ASN A 210 -23.53 15.47 -3.78
CA ASN A 210 -23.39 16.66 -4.60
C ASN A 210 -22.69 17.79 -3.84
N LEU A 211 -21.68 17.45 -3.04
CA LEU A 211 -20.80 18.46 -2.50
C LEU A 211 -19.98 19.10 -3.61
N SER A 212 -19.71 20.39 -3.45
CA SER A 212 -18.77 21.06 -4.33
C SER A 212 -17.36 20.55 -4.04
N TYR A 213 -16.49 20.64 -5.05
CA TYR A 213 -15.10 20.26 -4.86
C TYR A 213 -14.48 21.02 -3.70
N GLU A 214 -14.84 22.29 -3.55
CA GLU A 214 -14.23 23.12 -2.52
C GLU A 214 -14.67 22.68 -1.13
N GLY A 215 -15.97 22.40 -0.95
CA GLY A 215 -16.43 21.93 0.34
C GLY A 215 -15.85 20.58 0.73
N SER A 216 -15.81 19.66 -0.23
CA SER A 216 -15.21 18.36 0.02
C SER A 216 -13.75 18.50 0.39
N ALA A 217 -13.02 19.36 -0.31
CA ALA A 217 -11.60 19.54 -0.01
C ALA A 217 -11.39 20.24 1.32
N ILE A 218 -12.32 21.12 1.72
CA ILE A 218 -12.25 21.74 3.04
C ILE A 218 -12.43 20.68 4.12
N GLY A 219 -13.43 19.82 3.95
CA GLY A 219 -13.61 18.74 4.90
C GLY A 219 -12.40 17.84 4.97
N HIS A 220 -11.81 17.52 3.82
CA HIS A 220 -10.60 16.71 3.80
C HIS A 220 -9.43 17.43 4.45
N CYS A 221 -9.33 18.74 4.30
CA CYS A 221 -8.27 19.50 4.96
C CYS A 221 -8.40 19.41 6.47
N ILE A 222 -9.62 19.57 6.98
CA ILE A 222 -9.83 19.43 8.42
C ILE A 222 -9.50 18.01 8.89
N ALA A 223 -9.97 17.02 8.13
CA ALA A 223 -9.73 15.63 8.51
C ALA A 223 -8.24 15.29 8.44
N ASP A 224 -7.50 15.98 7.57
CA ASP A 224 -6.05 15.77 7.52
C ASP A 224 -5.34 16.47 8.66
N LEU A 225 -5.74 17.69 9.00
CA LEU A 225 -5.22 18.37 10.18
C LEU A 225 -5.46 17.58 11.44
N LEU A 226 -6.50 16.77 11.46
CA LEU A 226 -6.82 15.96 12.63
C LEU A 226 -6.08 14.63 12.60
N SER A 227 -6.21 13.90 11.50
CA SER A 227 -5.69 12.54 11.42
C SER A 227 -4.17 12.49 11.35
N LYS A 228 -3.54 13.53 10.81
CA LYS A 228 -2.11 13.51 10.53
C LYS A 228 -1.32 14.42 11.45
N ASN A 229 -1.62 15.72 11.45
CA ASN A 229 -0.81 16.67 12.19
C ASN A 229 -1.07 16.57 13.69
N ALA A 230 -2.34 16.58 14.09
CA ALA A 230 -2.67 16.42 15.50
C ALA A 230 -2.25 15.05 16.01
N TRP A 231 -2.48 14.01 15.20
CA TRP A 231 -2.09 12.66 15.61
C TRP A 231 -0.58 12.56 15.77
N GLY A 232 0.16 13.16 14.83
CA GLY A 232 1.61 13.16 14.95
C GLY A 232 2.10 13.94 16.16
N VAL A 233 1.44 15.06 16.46
CA VAL A 233 1.80 15.83 17.64
C VAL A 233 1.58 15.02 18.90
N MET A 234 0.44 14.32 18.99
CA MET A 234 0.19 13.45 20.13
C MET A 234 1.21 12.33 20.21
N HIS A 235 1.59 11.75 19.07
CA HIS A 235 2.58 10.68 19.06
C HIS A 235 3.91 11.18 19.60
N TRP A 236 4.34 12.35 19.14
CA TRP A 236 5.59 12.94 19.62
C TRP A 236 5.51 13.26 21.11
N TRP A 237 4.36 13.79 21.56
CA TRP A 237 4.18 14.07 22.98
C TRP A 237 4.29 12.80 23.81
N ILE A 238 3.66 11.71 23.36
CA ILE A 238 3.71 10.46 24.11
C ILE A 238 5.14 9.93 24.16
N ARG A 239 5.86 10.01 23.05
CA ARG A 239 7.25 9.57 23.05
C ARG A 239 8.11 10.42 23.96
N CYS A 240 7.84 11.73 24.04
CA CYS A 240 8.57 12.58 24.98
C CYS A 240 8.30 12.18 26.42
N GLN A 241 7.03 11.91 26.75
CA GLN A 241 6.72 11.43 28.09
C GLN A 241 7.42 10.11 28.39
N LEU A 242 7.46 9.21 27.40
CA LEU A 242 8.14 7.94 27.59
C LEU A 242 9.64 8.14 27.81
N GLU A 243 10.25 9.07 27.08
CA GLU A 243 11.66 9.38 27.31
C GLU A 243 11.89 9.92 28.71
N GLU A 244 11.01 10.79 29.18
CA GLU A 244 11.14 11.30 30.54
C GLU A 244 11.04 10.15 31.55
N TYR A 245 10.07 9.25 31.36
CA TYR A 245 9.94 8.11 32.25
C TYR A 245 11.19 7.24 32.24
N LYS A 246 11.74 7.02 31.04
CA LYS A 246 12.97 6.23 30.93
C LYS A 246 14.10 6.89 31.69
N HIS A 247 14.23 8.22 31.57
CA HIS A 247 15.25 8.93 32.32
C HIS A 247 15.06 8.76 33.82
N THR A 248 13.82 8.84 34.29
CA THR A 248 13.56 8.72 35.71
C THR A 248 13.67 7.29 36.22
N HIS A 249 13.52 6.29 35.34
CA HIS A 249 13.50 4.90 35.79
C HIS A 249 14.60 4.08 35.12
N ASN A 250 15.81 4.61 35.09
CA ASN A 250 16.99 3.87 34.64
C ASN A 250 16.95 3.52 33.16
N GLY A 251 16.05 4.14 32.40
CA GLY A 251 16.03 3.96 30.96
C GLY A 251 15.08 2.88 30.48
N GLN A 252 14.63 2.02 31.37
CA GLN A 252 13.74 0.93 30.99
C GLN A 252 12.29 1.26 31.31
N LEU A 253 11.43 0.95 30.36
CA LEU A 253 9.98 1.05 30.54
C LEU A 253 9.46 -0.18 31.25
N PRO A 254 8.28 -0.10 31.87
CA PRO A 254 7.72 -1.30 32.50
C PRO A 254 7.53 -2.40 31.47
N HIS A 255 7.85 -3.62 31.87
CA HIS A 255 7.90 -4.77 30.96
C HIS A 255 6.69 -5.65 31.17
N TYR A 256 5.81 -5.70 30.18
CA TYR A 256 4.68 -6.61 30.14
C TYR A 256 4.74 -7.40 28.84
N SER A 257 4.67 -8.72 28.94
CA SER A 257 4.78 -9.57 27.77
C SER A 257 3.95 -10.83 27.96
N LEU A 258 3.48 -11.38 26.84
CA LEU A 258 2.76 -12.65 26.83
C LEU A 258 1.59 -12.63 27.80
N GLU A 259 0.74 -11.62 27.66
CA GLU A 259 -0.50 -11.50 28.43
C GLU A 259 -1.68 -11.47 27.46
N THR A 260 -2.88 -11.26 28.00
CA THR A 260 -4.08 -11.22 27.19
C THR A 260 -4.97 -10.06 27.59
N ARG A 261 -5.83 -9.61 26.69
N ARG A 261 -5.84 -9.62 26.68
CA ARG A 261 -6.74 -8.50 26.96
CA ARG A 261 -6.71 -8.48 26.93
C ARG A 261 -7.89 -8.50 25.96
C ARG A 261 -7.89 -8.50 25.96
N ALA A 262 -8.67 -7.42 25.94
CA ALA A 262 -9.81 -7.22 25.05
C ALA A 262 -11.07 -7.96 25.51
N LYS A 263 -11.09 -8.51 26.73
CA LYS A 263 -12.29 -9.13 27.24
C LYS A 263 -13.45 -8.14 27.17
N MET A 264 -14.66 -8.67 26.95
CA MET A 264 -15.83 -7.83 26.77
C MET A 264 -15.63 -6.87 25.59
N ARG A 265 -15.47 -5.57 25.88
CA ARG A 265 -15.31 -4.57 24.84
C ARG A 265 -13.88 -4.58 24.30
N SER B 1 -15.66 19.46 -34.31
CA SER B 1 -14.82 19.37 -33.09
C SER B 1 -15.16 18.12 -32.29
N CYS B 2 -15.11 16.97 -32.94
CA CYS B 2 -15.39 15.70 -32.30
C CYS B 2 -14.15 15.17 -31.59
N TYR B 3 -14.36 14.17 -30.74
CA TYR B 3 -13.28 13.53 -29.99
C TYR B 3 -13.55 12.02 -29.99
N VAL B 4 -12.76 11.29 -30.77
CA VAL B 4 -12.79 9.83 -30.72
C VAL B 4 -11.79 9.37 -29.67
N ALA B 5 -12.14 8.28 -28.99
CA ALA B 5 -11.39 7.85 -27.82
C ALA B 5 -10.15 7.04 -28.21
N ASP B 6 -10.37 5.94 -28.94
CA ASP B 6 -9.28 5.06 -29.34
C ASP B 6 -8.50 4.56 -28.12
N PHE B 7 -9.21 3.92 -27.19
CA PHE B 7 -8.59 3.20 -26.09
C PHE B 7 -8.54 1.72 -26.43
N LEU B 8 -7.70 0.99 -25.72
CA LEU B 8 -7.62 -0.45 -25.92
C LEU B 8 -8.97 -1.09 -25.63
N GLY B 9 -9.42 -1.93 -26.56
CA GLY B 9 -10.62 -2.71 -26.37
C GLY B 9 -11.93 -2.04 -26.72
N MET B 10 -11.89 -0.84 -27.31
CA MET B 10 -13.11 -0.16 -27.74
C MET B 10 -13.42 -0.50 -29.18
N HIS B 11 -12.53 -0.19 -30.12
CA HIS B 11 -12.74 -0.59 -31.50
C HIS B 11 -12.52 -2.08 -31.65
N HIS B 12 -13.43 -2.73 -32.37
CA HIS B 12 -13.35 -4.17 -32.51
C HIS B 12 -12.04 -4.59 -33.16
N GLU B 13 -11.37 -5.57 -32.55
CA GLU B 13 -10.14 -6.12 -33.07
C GLU B 13 -10.35 -7.58 -33.44
N SER B 14 -9.82 -7.97 -34.59
CA SER B 14 -9.91 -9.34 -35.06
C SER B 14 -8.97 -10.18 -34.20
N HIS B 15 -9.47 -10.65 -33.06
CA HIS B 15 -8.66 -11.36 -32.08
C HIS B 15 -8.36 -12.74 -32.64
N GLU B 16 -7.37 -12.81 -33.52
CA GLU B 16 -6.99 -14.05 -34.17
C GLU B 16 -5.48 -14.09 -34.31
N GLY B 17 -4.96 -15.31 -34.46
CA GLY B 17 -3.52 -15.51 -34.55
C GLY B 17 -3.00 -16.40 -33.45
N ALA B 18 -1.80 -16.93 -33.63
CA ALA B 18 -1.20 -17.80 -32.62
C ALA B 18 -0.93 -17.06 -31.32
N LEU B 19 -0.54 -15.78 -31.42
CA LEU B 19 -0.20 -15.02 -30.22
C LEU B 19 -1.39 -14.87 -29.30
N TYR B 20 -2.58 -14.59 -29.86
CA TYR B 20 -3.78 -14.47 -29.04
C TYR B 20 -4.12 -15.81 -28.37
N SER B 21 -3.97 -16.91 -29.11
CA SER B 21 -4.24 -18.21 -28.53
C SER B 21 -3.31 -18.50 -27.36
N VAL B 22 -2.01 -18.23 -27.54
CA VAL B 22 -1.07 -18.40 -26.44
C VAL B 22 -1.44 -17.49 -25.28
N TYR B 23 -1.86 -16.27 -25.58
CA TYR B 23 -2.24 -15.31 -24.55
C TYR B 23 -3.36 -15.85 -23.67
N LYS B 24 -4.46 -16.27 -24.31
CA LYS B 24 -5.60 -16.76 -23.56
C LYS B 24 -5.26 -18.05 -22.82
N SER B 25 -4.50 -18.94 -23.46
CA SER B 25 -4.12 -20.18 -22.81
C SER B 25 -3.28 -19.91 -21.57
N LEU B 26 -2.37 -18.95 -21.64
CA LEU B 26 -1.54 -18.63 -20.48
C LEU B 26 -2.36 -17.97 -19.37
N GLU B 27 -3.31 -17.08 -19.71
CA GLU B 27 -4.17 -16.55 -18.65
C GLU B 27 -4.94 -17.67 -17.96
N TRP B 28 -5.53 -18.58 -18.74
CA TRP B 28 -6.30 -19.66 -18.15
C TRP B 28 -5.41 -20.55 -17.29
N GLY B 29 -4.20 -20.84 -17.76
CA GLY B 29 -3.29 -21.65 -16.99
C GLY B 29 -2.88 -20.99 -15.69
N CYS B 30 -2.59 -19.69 -15.72
CA CYS B 30 -2.24 -18.98 -14.50
C CYS B 30 -3.41 -18.99 -13.52
N PHE B 31 -4.62 -18.76 -14.00
CA PHE B 31 -5.79 -18.83 -13.12
C PHE B 31 -5.90 -20.21 -12.48
N LEU B 32 -5.75 -21.26 -13.28
CA LEU B 32 -5.89 -22.62 -12.76
C LEU B 32 -4.81 -22.95 -11.74
N ILE B 33 -3.57 -22.57 -12.03
CA ILE B 33 -2.48 -22.80 -11.07
C ILE B 33 -2.73 -22.03 -9.79
N SER B 34 -3.19 -20.79 -9.90
CA SER B 34 -3.43 -19.99 -8.71
C SER B 34 -4.52 -20.59 -7.84
N ILE B 35 -5.62 -21.03 -8.45
CA ILE B 35 -6.71 -21.59 -7.66
C ILE B 35 -6.32 -22.93 -7.06
N GLY B 36 -5.61 -23.77 -7.81
CA GLY B 36 -5.11 -25.01 -7.26
C GLY B 36 -4.16 -24.81 -6.11
N LEU B 37 -3.25 -23.85 -6.23
CA LEU B 37 -2.34 -23.54 -5.14
C LEU B 37 -3.10 -23.00 -3.94
N PHE B 38 -4.16 -22.23 -4.19
CA PHE B 38 -5.00 -21.75 -3.11
C PHE B 38 -5.59 -22.91 -2.31
N VAL B 39 -6.17 -23.89 -3.03
CA VAL B 39 -6.74 -25.06 -2.34
C VAL B 39 -5.65 -25.84 -1.61
N PHE B 40 -4.50 -26.02 -2.27
CA PHE B 40 -3.43 -26.81 -1.67
C PHE B 40 -2.91 -26.14 -0.40
N TYR B 41 -2.72 -24.83 -0.43
CA TYR B 41 -2.32 -24.09 0.76
C TYR B 41 -3.38 -24.14 1.85
N LEU B 42 -4.65 -24.08 1.49
CA LEU B 42 -5.71 -24.23 2.48
C LEU B 42 -5.64 -25.57 3.18
N GLN B 43 -5.37 -26.64 2.44
CA GLN B 43 -5.16 -27.95 3.06
C GLN B 43 -3.90 -27.98 3.93
N GLN B 44 -2.83 -27.30 3.50
CA GLN B 44 -1.57 -27.33 4.24
C GLN B 44 -1.57 -26.39 5.44
N TYR B 45 -2.57 -25.51 5.55
CA TYR B 45 -2.58 -24.52 6.63
C TYR B 45 -2.41 -25.15 8.00
N ARG B 46 -3.13 -26.24 8.27
CA ARG B 46 -3.13 -26.81 9.61
C ARG B 46 -1.77 -27.34 10.04
N LYS B 47 -0.87 -27.59 9.10
CA LYS B 47 0.48 -28.04 9.41
C LYS B 47 1.47 -26.90 9.55
N LYS B 48 0.99 -25.65 9.52
CA LYS B 48 1.84 -24.48 9.75
C LYS B 48 2.99 -24.42 8.76
N THR B 49 2.74 -24.85 7.54
CA THR B 49 3.68 -24.76 6.45
C THR B 49 3.31 -23.69 5.42
N ALA B 50 2.02 -23.41 5.26
CA ALA B 50 1.54 -22.37 4.38
C ALA B 50 0.87 -21.29 5.21
N GLY B 51 1.48 -20.11 5.26
CA GLY B 51 0.92 -19.00 5.98
C GLY B 51 -0.19 -18.33 5.22
N TRP B 52 -0.85 -17.39 5.90
CA TRP B 52 -1.93 -16.64 5.29
C TRP B 52 -1.47 -15.81 4.10
N GLU B 53 -0.18 -15.48 4.04
CA GLU B 53 0.30 -14.61 2.97
C GLU B 53 0.17 -15.28 1.61
N VAL B 54 0.65 -16.52 1.48
CA VAL B 54 0.57 -17.20 0.19
C VAL B 54 -0.88 -17.47 -0.19
N ILE B 55 -1.72 -17.82 0.78
CA ILE B 55 -3.13 -18.05 0.49
C ILE B 55 -3.77 -16.79 -0.04
N TYR B 56 -3.52 -15.65 0.63
CA TYR B 56 -4.06 -14.38 0.17
C TYR B 56 -3.54 -14.01 -1.22
N ILE B 57 -2.25 -14.26 -1.46
CA ILE B 57 -1.68 -13.95 -2.77
C ILE B 57 -2.35 -14.75 -3.86
N ALA B 58 -2.52 -16.06 -3.63
CA ALA B 58 -3.16 -16.92 -4.62
C ALA B 58 -4.61 -16.51 -4.85
N PHE B 59 -5.33 -16.21 -3.76
CA PHE B 59 -6.71 -15.76 -3.85
C PHE B 59 -6.82 -14.52 -4.74
N ILE B 60 -6.02 -13.50 -4.43
CA ILE B 60 -6.10 -12.24 -5.15
C ILE B 60 -5.67 -12.42 -6.60
N GLU B 61 -4.66 -13.26 -6.84
CA GLU B 61 -4.22 -13.53 -8.19
C GLU B 61 -5.30 -14.23 -9.00
N SER B 62 -6.02 -15.16 -8.36
CA SER B 62 -7.11 -15.85 -9.04
C SER B 62 -8.20 -14.87 -9.48
N PHE B 63 -8.60 -13.96 -8.59
CA PHE B 63 -9.57 -12.94 -9.00
C PHE B 63 -9.00 -12.04 -10.10
N LYS B 64 -7.74 -11.61 -9.95
CA LYS B 64 -7.12 -10.81 -10.99
C LYS B 64 -7.25 -11.48 -12.35
N TYR B 65 -6.90 -12.76 -12.42
CA TYR B 65 -6.88 -13.44 -13.71
C TYR B 65 -8.27 -13.77 -14.23
N ILE B 66 -9.24 -14.04 -13.36
CA ILE B 66 -10.59 -14.25 -13.88
C ILE B 66 -11.13 -12.96 -14.47
N PHE B 67 -10.88 -11.82 -13.80
CA PHE B 67 -11.31 -10.55 -14.36
C PHE B 67 -10.60 -10.23 -15.66
N GLU B 68 -9.28 -10.50 -15.73
CA GLU B 68 -8.56 -10.39 -17.00
C GLU B 68 -9.20 -11.23 -18.09
N ILE B 69 -9.51 -12.49 -17.80
CA ILE B 69 -10.04 -13.36 -18.84
C ILE B 69 -11.36 -12.83 -19.36
N PHE B 70 -12.27 -12.44 -18.46
CA PHE B 70 -13.62 -12.15 -18.88
C PHE B 70 -13.91 -10.67 -19.06
N TRP B 71 -13.27 -9.80 -18.29
CA TRP B 71 -13.50 -8.36 -18.45
C TRP B 71 -12.20 -7.59 -18.42
N PRO B 72 -11.26 -7.89 -19.34
CA PRO B 72 -9.98 -7.20 -19.34
C PRO B 72 -10.10 -5.71 -19.61
N HIS B 73 -11.06 -5.29 -20.42
CA HIS B 73 -11.12 -3.93 -20.91
C HIS B 73 -12.30 -3.12 -20.35
N ASN B 74 -13.27 -3.77 -19.73
CA ASN B 74 -14.35 -3.06 -19.08
C ASN B 74 -13.86 -2.44 -17.77
N ASN B 75 -14.19 -1.17 -17.57
CA ASN B 75 -13.79 -0.54 -16.33
C ASN B 75 -14.54 -1.17 -15.16
N PRO B 76 -13.98 -1.12 -13.95
CA PRO B 76 -12.77 -0.40 -13.53
C PRO B 76 -11.47 -1.15 -13.77
N ALA B 77 -11.54 -2.31 -14.42
CA ALA B 77 -10.33 -3.05 -14.73
C ALA B 77 -9.42 -2.31 -15.68
N GLN B 78 -10.00 -1.57 -16.63
CA GLN B 78 -9.27 -0.69 -17.54
C GLN B 78 -9.66 0.75 -17.23
N LEU B 79 -8.71 1.54 -16.77
CA LEU B 79 -8.95 2.95 -16.53
C LEU B 79 -8.60 3.73 -17.79
N ASN B 80 -9.59 4.36 -18.40
CA ASN B 80 -9.41 5.13 -19.61
C ASN B 80 -9.23 6.60 -19.24
N ILE B 81 -8.06 7.15 -19.52
CA ILE B 81 -7.71 8.50 -19.12
C ILE B 81 -7.77 9.39 -20.36
N TYR B 82 -8.53 10.48 -20.24
CA TYR B 82 -9.04 11.20 -21.40
C TYR B 82 -7.99 12.08 -22.05
N GLY B 83 -7.49 13.08 -21.33
CA GLY B 83 -6.61 14.06 -21.93
C GLY B 83 -5.33 13.43 -22.40
N VAL B 84 -4.86 12.44 -21.64
CA VAL B 84 -3.65 11.70 -22.00
C VAL B 84 -3.94 10.57 -22.97
N ASN B 85 -5.21 10.17 -23.13
CA ASN B 85 -5.59 9.11 -24.06
C ASN B 85 -4.85 7.82 -23.73
N LYS B 86 -4.83 7.45 -22.45
CA LYS B 86 -4.14 6.25 -22.02
C LYS B 86 -5.09 5.23 -21.44
N SER B 87 -4.62 3.97 -21.44
CA SER B 87 -5.38 2.83 -20.95
C SER B 87 -4.56 2.14 -19.86
N VAL B 88 -4.91 2.39 -18.61
CA VAL B 88 -4.18 1.90 -17.46
C VAL B 88 -4.77 0.55 -17.06
N PRO B 89 -3.97 -0.50 -16.96
CA PRO B 89 -4.49 -1.76 -16.41
C PRO B 89 -4.64 -1.68 -14.90
N TRP B 90 -5.72 -1.07 -14.43
CA TRP B 90 -5.89 -0.83 -13.01
C TRP B 90 -6.02 -2.13 -12.23
N VAL B 91 -6.61 -3.15 -12.82
CA VAL B 91 -6.70 -4.44 -12.13
C VAL B 91 -5.30 -4.98 -11.84
N ARG B 92 -4.39 -4.88 -12.82
CA ARG B 92 -3.03 -5.34 -12.63
C ARG B 92 -2.33 -4.59 -11.51
N TYR B 93 -2.46 -3.26 -11.49
CA TYR B 93 -1.75 -2.47 -10.50
C TYR B 93 -2.37 -2.60 -9.12
N MET B 94 -3.69 -2.75 -9.05
CA MET B 94 -4.34 -3.07 -7.79
C MET B 94 -3.84 -4.39 -7.24
N GLU B 95 -3.72 -5.41 -8.10
CA GLU B 95 -3.19 -6.69 -7.65
C GLU B 95 -1.75 -6.56 -7.17
N TRP B 96 -0.94 -5.76 -7.89
CA TRP B 96 0.41 -5.48 -7.43
C TRP B 96 0.40 -4.87 -6.03
N MET B 97 -0.41 -3.83 -5.84
CA MET B 97 -0.44 -3.15 -4.55
C MET B 97 -0.88 -4.10 -3.44
N ILE B 98 -1.81 -5.00 -3.73
CA ILE B 98 -2.23 -5.95 -2.72
C ILE B 98 -1.12 -6.95 -2.40
N THR B 99 -0.49 -7.53 -3.42
CA THR B 99 0.38 -8.68 -3.22
C THR B 99 1.81 -8.31 -2.83
N CYS B 100 2.41 -7.32 -3.49
CA CYS B 100 3.80 -7.00 -3.22
C CYS B 100 4.05 -6.74 -1.74
N PRO B 101 3.23 -5.96 -1.03
CA PRO B 101 3.40 -5.87 0.43
C PRO B 101 3.32 -7.22 1.11
N VAL B 102 2.39 -8.08 0.70
CA VAL B 102 2.25 -9.37 1.33
C VAL B 102 3.44 -10.27 1.01
N ILE B 103 3.97 -10.18 -0.22
CA ILE B 103 5.17 -10.92 -0.54
C ILE B 103 6.33 -10.47 0.35
N LEU B 104 6.50 -9.16 0.53
CA LEU B 104 7.57 -8.68 1.40
C LEU B 104 7.36 -9.07 2.85
N MET B 105 6.11 -9.07 3.32
CA MET B 105 5.81 -9.50 4.69
C MET B 105 6.15 -10.97 4.88
N ALA B 106 5.80 -11.81 3.90
CA ALA B 106 6.17 -13.22 3.96
C ALA B 106 7.68 -13.40 3.93
N LEU B 107 8.37 -12.60 3.11
CA LEU B 107 9.83 -12.65 3.09
C LEU B 107 10.42 -12.31 4.45
N SER B 108 9.89 -11.27 5.09
CA SER B 108 10.33 -10.91 6.44
C SER B 108 9.89 -11.91 7.48
N ASN B 109 8.92 -12.77 7.17
CA ASN B 109 8.44 -13.82 8.07
C ASN B 109 8.66 -15.19 7.46
N ILE B 110 9.86 -15.41 6.92
CA ILE B 110 10.14 -16.67 6.23
C ILE B 110 10.01 -17.86 7.15
N SER B 111 10.25 -17.67 8.44
CA SER B 111 10.27 -18.78 9.39
C SER B 111 8.97 -18.90 10.18
N GLY B 112 8.31 -17.77 10.46
CA GLY B 112 7.03 -17.77 11.12
C GLY B 112 7.05 -17.46 12.60
N GLU B 113 8.23 -17.25 13.20
CA GLU B 113 8.29 -16.99 14.62
C GLU B 113 7.90 -15.55 14.92
N GLU B 114 7.71 -15.28 16.22
CA GLU B 114 7.36 -13.97 16.71
C GLU B 114 8.62 -13.24 17.16
N GLY B 115 8.60 -11.91 17.04
CA GLY B 115 9.74 -11.11 17.41
C GLY B 115 10.81 -10.99 16.36
N GLU B 116 10.62 -11.58 15.18
CA GLU B 116 11.59 -11.49 14.11
C GLU B 116 11.42 -10.26 13.23
N TYR B 117 10.28 -9.59 13.31
CA TYR B 117 10.07 -8.36 12.56
C TYR B 117 10.92 -7.23 13.13
N THR B 118 11.19 -6.24 12.28
CA THR B 118 12.05 -5.13 12.63
C THR B 118 11.53 -3.86 11.99
N HIS B 119 12.15 -2.74 12.35
CA HIS B 119 11.77 -1.45 11.75
C HIS B 119 12.08 -1.44 10.26
N ARG B 120 13.17 -2.12 9.87
CA ARG B 120 13.56 -2.17 8.47
C ARG B 120 12.50 -2.86 7.62
N SER B 121 11.75 -3.80 8.18
CA SER B 121 10.64 -4.40 7.46
C SER B 121 9.59 -3.34 7.10
N MET B 122 9.26 -2.48 8.05
CA MET B 122 8.31 -1.41 7.82
C MET B 122 8.84 -0.40 6.81
N GLN B 123 10.12 -0.05 6.89
CA GLN B 123 10.70 0.82 5.88
C GLN B 123 10.66 0.19 4.50
N LEU B 124 10.94 -1.12 4.41
CA LEU B 124 10.80 -1.84 3.16
C LEU B 124 9.39 -1.73 2.60
N LEU B 125 8.40 -1.93 3.46
CA LEU B 125 7.01 -1.83 3.01
C LEU B 125 6.72 -0.42 2.49
N ALA B 126 7.21 0.60 3.19
CA ALA B 126 7.00 1.97 2.73
C ALA B 126 7.64 2.21 1.36
N THR B 127 8.86 1.73 1.16
CA THR B 127 9.53 1.92 -0.13
C THR B 127 8.80 1.19 -1.24
N ASP B 128 8.33 -0.03 -0.98
CA ASP B 128 7.56 -0.75 -2.00
C ASP B 128 6.28 0.00 -2.33
N GLN B 129 5.60 0.51 -1.31
CA GLN B 129 4.40 1.31 -1.54
C GLN B 129 4.70 2.49 -2.47
N GLY B 130 5.74 3.25 -2.15
CA GLY B 130 6.09 4.39 -2.97
C GLY B 130 6.44 3.99 -4.39
N ALA B 131 7.22 2.92 -4.55
CA ALA B 131 7.57 2.44 -5.87
C ALA B 131 6.34 2.15 -6.71
N ILE B 132 5.42 1.35 -6.18
CA ILE B 132 4.26 0.95 -6.98
C ILE B 132 3.35 2.14 -7.24
N LEU B 133 3.18 3.03 -6.26
CA LEU B 133 2.35 4.21 -6.48
C LEU B 133 2.92 5.10 -7.58
N CYS B 134 4.25 5.30 -7.57
CA CYS B 134 4.86 6.10 -8.62
C CYS B 134 4.79 5.40 -9.97
N ALA B 135 4.86 4.07 -9.99
CA ALA B 135 4.64 3.35 -11.23
C ALA B 135 3.24 3.61 -11.79
N ILE B 136 2.23 3.55 -10.92
CA ILE B 136 0.87 3.84 -11.36
C ILE B 136 0.76 5.27 -11.88
N THR B 137 1.34 6.23 -11.16
CA THR B 137 1.26 7.62 -11.59
C THR B 137 1.93 7.81 -12.94
N ALA B 138 3.07 7.17 -13.15
CA ALA B 138 3.71 7.22 -14.46
C ALA B 138 2.83 6.61 -15.53
N ALA B 139 2.17 5.50 -15.22
CA ALA B 139 1.29 4.86 -16.19
C ALA B 139 0.12 5.76 -16.57
N ALA B 140 -0.39 6.53 -15.62
CA ALA B 140 -1.56 7.37 -15.87
C ALA B 140 -1.23 8.73 -16.46
N SER B 141 0.05 9.07 -16.56
CA SER B 141 0.48 10.37 -17.07
C SER B 141 1.21 10.21 -18.39
N GLU B 142 1.71 11.35 -18.90
CA GLU B 142 2.46 11.38 -20.14
C GLU B 142 3.58 12.41 -20.04
N GLY B 143 4.55 12.28 -20.93
CA GLY B 143 5.63 13.25 -21.06
C GLY B 143 6.63 13.20 -19.93
N ALA B 144 7.21 14.36 -19.62
CA ALA B 144 8.25 14.42 -18.59
C ALA B 144 7.73 14.01 -17.22
N ILE B 145 6.45 14.22 -16.94
CA ILE B 145 5.89 13.82 -15.65
C ILE B 145 6.05 12.32 -15.47
N SER B 146 5.72 11.56 -16.50
CA SER B 146 5.83 10.11 -16.43
C SER B 146 7.28 9.67 -16.21
N ALA B 147 8.21 10.30 -16.93
CA ALA B 147 9.62 9.93 -16.76
C ALA B 147 10.10 10.24 -15.35
N VAL B 148 9.71 11.39 -14.81
CA VAL B 148 10.13 11.76 -13.45
C VAL B 148 9.57 10.78 -12.43
N PHE B 149 8.30 10.41 -12.58
CA PHE B 149 7.70 9.46 -11.64
C PHE B 149 8.33 8.08 -11.79
N TYR B 150 8.66 7.69 -13.02
CA TYR B 150 9.37 6.44 -13.23
C TYR B 150 10.73 6.45 -12.53
N ALA B 151 11.44 7.57 -12.61
CA ALA B 151 12.73 7.68 -11.92
C ALA B 151 12.58 7.58 -10.42
N ILE B 152 11.58 8.27 -9.85
CA ILE B 152 11.38 8.20 -8.41
C ILE B 152 11.03 6.77 -7.99
N GLY B 153 10.15 6.12 -8.77
CA GLY B 153 9.84 4.74 -8.51
C GLY B 153 11.04 3.84 -8.59
N VAL B 154 11.94 4.11 -9.55
CA VAL B 154 13.16 3.33 -9.66
C VAL B 154 14.02 3.50 -8.42
N CYS B 155 14.14 4.73 -7.90
CA CYS B 155 14.91 4.93 -6.68
C CYS B 155 14.31 4.16 -5.51
N TYR B 156 12.98 4.26 -5.35
CA TYR B 156 12.29 3.46 -4.35
C TYR B 156 12.59 1.98 -4.53
N GLY B 157 12.58 1.52 -5.78
CA GLY B 157 12.81 0.11 -6.05
C GLY B 157 14.22 -0.34 -5.73
N ILE B 158 15.21 0.52 -6.00
CA ILE B 158 16.58 0.20 -5.62
C ILE B 158 16.68 0.04 -4.12
N CYS B 159 16.07 0.95 -3.37
CA CYS B 159 16.08 0.81 -1.91
C CYS B 159 15.40 -0.48 -1.48
N THR B 160 14.26 -0.80 -2.10
CA THR B 160 13.52 -2.01 -1.76
C THR B 160 14.36 -3.26 -2.05
N PHE B 161 15.03 -3.27 -3.20
CA PHE B 161 15.86 -4.40 -3.57
C PHE B 161 17.04 -4.56 -2.63
N TYR B 162 17.66 -3.46 -2.22
CA TYR B 162 18.74 -3.55 -1.23
C TYR B 162 18.24 -4.16 0.07
N PHE B 163 17.08 -3.71 0.54
CA PHE B 163 16.53 -4.25 1.78
C PHE B 163 16.24 -5.74 1.63
N CYS B 164 15.65 -6.13 0.50
CA CYS B 164 15.32 -7.54 0.27
C CYS B 164 16.58 -8.40 0.19
N LEU B 165 17.64 -7.87 -0.41
CA LEU B 165 18.91 -8.58 -0.45
C LEU B 165 19.44 -8.80 0.95
N GLN B 166 19.34 -7.78 1.81
CA GLN B 166 19.76 -7.96 3.19
C GLN B 166 18.95 -9.05 3.87
N ILE B 167 17.63 -9.06 3.65
CA ILE B 167 16.78 -10.08 4.24
C ILE B 167 17.20 -11.47 3.76
N TYR B 168 17.46 -11.60 2.46
CA TYR B 168 17.83 -12.90 1.91
C TYR B 168 19.15 -13.39 2.48
N ILE B 169 20.14 -12.50 2.61
CA ILE B 169 21.42 -12.92 3.18
C ILE B 169 21.25 -13.33 4.63
N GLU B 170 20.45 -12.58 5.39
CA GLU B 170 20.21 -12.95 6.78
C GLU B 170 19.52 -14.32 6.88
N ALA B 171 18.53 -14.57 6.01
CA ALA B 171 17.87 -15.86 5.99
C ALA B 171 18.84 -16.97 5.66
N TYR B 172 19.71 -16.73 4.68
CA TYR B 172 20.71 -17.73 4.30
C TYR B 172 21.64 -18.06 5.45
N PHE B 173 22.11 -17.06 6.20
CA PHE B 173 23.07 -17.32 7.27
C PHE B 173 22.42 -17.67 8.61
N THR B 174 21.10 -17.57 8.73
CA THR B 174 20.40 -17.99 9.95
C THR B 174 19.65 -19.29 9.80
N LEU B 175 19.01 -19.54 8.66
CA LEU B 175 18.24 -20.75 8.48
C LEU B 175 19.17 -21.96 8.41
N PRO B 176 18.64 -23.16 8.69
CA PRO B 176 19.46 -24.36 8.64
C PRO B 176 20.14 -24.55 7.28
N GLU B 177 21.19 -25.36 7.28
CA GLU B 177 21.93 -25.62 6.05
C GLU B 177 21.03 -26.24 4.99
N THR B 178 20.11 -27.12 5.39
CA THR B 178 19.28 -27.86 4.45
C THR B 178 18.49 -26.93 3.54
N CYS B 179 18.25 -25.71 3.99
CA CYS B 179 17.46 -24.75 3.24
C CYS B 179 18.29 -23.85 2.35
N HIS B 180 19.62 -23.83 2.51
CA HIS B 180 20.44 -22.83 1.83
C HIS B 180 20.15 -22.81 0.33
N SER B 181 20.24 -23.97 -0.31
CA SER B 181 19.99 -24.02 -1.74
C SER B 181 18.65 -23.38 -2.08
N ALA B 182 17.58 -23.83 -1.40
CA ALA B 182 16.27 -23.27 -1.67
C ALA B 182 16.31 -21.75 -1.60
N VAL B 183 16.91 -21.20 -0.55
CA VAL B 183 16.92 -19.75 -0.39
C VAL B 183 17.49 -19.11 -1.65
N LYS B 184 18.65 -19.59 -2.11
CA LYS B 184 19.24 -19.01 -3.30
C LYS B 184 18.22 -18.97 -4.42
N TRP B 185 17.59 -20.10 -4.71
CA TRP B 185 16.66 -20.15 -5.82
C TRP B 185 15.54 -19.15 -5.61
N MET B 186 15.00 -19.09 -4.40
CA MET B 186 13.92 -18.14 -4.15
C MET B 186 14.39 -16.73 -4.47
N ALA B 187 15.58 -16.37 -4.01
CA ALA B 187 16.12 -15.06 -4.32
C ALA B 187 16.13 -14.82 -5.83
N VAL B 188 16.64 -15.78 -6.59
CA VAL B 188 16.63 -15.63 -8.04
C VAL B 188 15.21 -15.41 -8.53
N ILE B 189 14.28 -16.25 -8.08
CA ILE B 189 12.90 -16.13 -8.51
C ILE B 189 12.35 -14.77 -8.12
N PHE B 190 12.82 -14.22 -6.99
CA PHE B 190 12.38 -12.91 -6.57
C PHE B 190 12.92 -11.82 -7.51
N TYR B 191 14.18 -11.95 -7.91
CA TYR B 191 14.80 -10.88 -8.68
C TYR B 191 14.57 -11.07 -10.18
N ALA B 192 14.52 -12.31 -10.64
CA ALA B 192 14.20 -12.56 -12.04
C ALA B 192 12.78 -12.10 -12.36
N GLY B 193 11.83 -12.38 -11.46
CA GLY B 193 10.46 -11.98 -11.72
C GLY B 193 10.25 -10.48 -11.58
N TRP B 194 10.60 -9.92 -10.42
CA TRP B 194 10.34 -8.52 -10.17
C TRP B 194 10.97 -7.63 -11.24
N LEU B 195 12.23 -7.89 -11.59
CA LEU B 195 12.92 -7.07 -12.57
C LEU B 195 12.25 -7.09 -13.94
N CYS B 196 11.38 -8.06 -14.19
CA CYS B 196 10.67 -8.09 -15.46
C CYS B 196 9.64 -6.98 -15.55
N TYR B 197 8.99 -6.64 -14.43
CA TYR B 197 7.91 -5.66 -14.48
C TYR B 197 8.39 -4.28 -14.91
N PRO B 198 9.49 -3.73 -14.39
CA PRO B 198 9.94 -2.42 -14.86
C PRO B 198 10.20 -2.35 -16.35
N CYS B 199 10.76 -3.41 -16.94
CA CYS B 199 11.08 -3.42 -18.37
C CYS B 199 9.85 -3.49 -19.26
N PHE B 200 8.91 -4.40 -18.98
CA PHE B 200 7.67 -4.41 -19.74
C PHE B 200 6.99 -3.05 -19.72
N PHE B 201 7.01 -2.39 -18.56
CA PHE B 201 6.45 -1.04 -18.45
C PHE B 201 7.04 -0.13 -19.52
N LEU B 202 8.35 -0.17 -19.71
CA LEU B 202 8.98 0.69 -20.70
C LEU B 202 8.58 0.29 -22.12
N ALA B 203 8.31 -0.99 -22.33
CA ALA B 203 8.09 -1.50 -23.68
C ALA B 203 6.63 -1.49 -24.10
N GLY B 204 5.70 -1.23 -23.19
CA GLY B 204 4.28 -1.29 -23.47
C GLY B 204 3.69 0.04 -23.86
N SER B 205 2.36 0.04 -24.02
CA SER B 205 1.64 1.28 -24.28
C SER B 205 1.83 2.27 -23.14
N GLU B 206 1.73 1.80 -21.91
CA GLU B 206 2.30 2.53 -20.78
C GLU B 206 3.81 2.59 -21.00
N GLY B 207 4.41 3.70 -20.63
CA GLY B 207 5.79 3.94 -20.94
C GLY B 207 5.96 4.55 -22.32
N TRP B 208 6.99 4.06 -23.02
CA TRP B 208 7.41 4.64 -24.29
C TRP B 208 7.75 3.57 -25.32
N GLY B 209 7.18 2.38 -25.17
CA GLY B 209 7.38 1.31 -26.11
C GLY B 209 6.14 1.02 -26.94
N ASN B 210 6.19 -0.04 -27.74
CA ASN B 210 5.09 -0.39 -28.64
C ASN B 210 4.82 -1.89 -28.63
N LEU B 211 4.89 -2.52 -27.45
CA LEU B 211 4.40 -3.87 -27.30
C LEU B 211 2.89 -3.89 -27.46
N SER B 212 2.37 -4.97 -28.03
CA SER B 212 0.94 -5.20 -28.04
C SER B 212 0.47 -5.53 -26.63
N TYR B 213 -0.81 -5.25 -26.37
CA TYR B 213 -1.39 -5.60 -25.08
C TYR B 213 -1.20 -7.07 -24.77
N GLU B 214 -1.31 -7.92 -25.79
CA GLU B 214 -1.25 -9.36 -25.58
C GLU B 214 0.16 -9.79 -25.20
N GLY B 215 1.18 -9.25 -25.89
CA GLY B 215 2.55 -9.59 -25.55
C GLY B 215 2.95 -9.12 -24.17
N SER B 216 2.56 -7.88 -23.83
CA SER B 216 2.83 -7.35 -22.50
C SER B 216 2.16 -8.19 -21.43
N ALA B 217 0.91 -8.60 -21.67
CA ALA B 217 0.20 -9.40 -20.69
C ALA B 217 0.79 -10.81 -20.59
N ILE B 218 1.32 -11.34 -21.69
CA ILE B 218 2.01 -12.62 -21.64
C ILE B 218 3.25 -12.53 -20.78
N GLY B 219 4.05 -11.47 -21.00
CA GLY B 219 5.21 -11.27 -20.16
C GLY B 219 4.84 -11.12 -18.70
N HIS B 220 3.78 -10.38 -18.42
CA HIS B 220 3.31 -10.23 -17.05
C HIS B 220 2.81 -11.54 -16.47
N CYS B 221 2.18 -12.38 -17.28
CA CYS B 221 1.74 -13.69 -16.81
C CYS B 221 2.93 -14.55 -16.40
N ILE B 222 3.98 -14.55 -17.22
CA ILE B 222 5.18 -15.30 -16.85
C ILE B 222 5.81 -14.73 -15.58
N ALA B 223 5.91 -13.41 -15.51
CA ALA B 223 6.51 -12.77 -14.34
C ALA B 223 5.68 -13.02 -13.09
N ASP B 224 4.37 -13.21 -13.24
CA ASP B 224 3.52 -13.52 -12.10
C ASP B 224 3.67 -14.99 -11.69
N LEU B 225 3.72 -15.90 -12.66
CA LEU B 225 4.01 -17.30 -12.37
C LEU B 225 5.33 -17.47 -11.66
N LEU B 226 6.28 -16.56 -11.90
CA LEU B 226 7.58 -16.64 -11.26
C LEU B 226 7.57 -15.96 -9.89
N SER B 227 7.12 -14.70 -9.85
CA SER B 227 7.22 -13.89 -8.64
C SER B 227 6.27 -14.35 -7.54
N LYS B 228 5.13 -14.94 -7.91
CA LYS B 228 4.08 -15.26 -6.95
C LYS B 228 3.93 -16.74 -6.71
N ASN B 229 3.67 -17.53 -7.75
CA ASN B 229 3.37 -18.94 -7.55
C ASN B 229 4.63 -19.74 -7.23
N ALA B 230 5.68 -19.55 -8.03
CA ALA B 230 6.94 -20.22 -7.73
C ALA B 230 7.53 -19.74 -6.42
N TRP B 231 7.46 -18.43 -6.16
CA TRP B 231 7.98 -17.90 -4.91
C TRP B 231 7.22 -18.46 -3.72
N GLY B 232 5.90 -18.54 -3.84
CA GLY B 232 5.09 -19.12 -2.77
C GLY B 232 5.39 -20.60 -2.56
N VAL B 233 5.61 -21.33 -3.65
CA VAL B 233 5.96 -22.74 -3.54
C VAL B 233 7.28 -22.90 -2.81
N MET B 234 8.27 -22.08 -3.15
CA MET B 234 9.55 -22.12 -2.44
C MET B 234 9.38 -21.75 -0.97
N HIS B 235 8.54 -20.75 -0.67
CA HIS B 235 8.30 -20.36 0.71
C HIS B 235 7.70 -21.52 1.50
N TRP B 236 6.70 -22.18 0.93
CA TRP B 236 6.09 -23.33 1.59
C TRP B 236 7.09 -24.46 1.76
N TRP B 237 7.92 -24.71 0.75
CA TRP B 237 8.95 -25.74 0.86
C TRP B 237 9.91 -25.44 1.99
N ILE B 238 10.36 -24.18 2.10
CA ILE B 238 11.30 -23.82 3.15
C ILE B 238 10.66 -23.98 4.52
N ARG B 239 9.39 -23.58 4.65
CA ARG B 239 8.71 -23.76 5.92
C ARG B 239 8.54 -25.23 6.27
N CYS B 240 8.30 -26.08 5.27
CA CYS B 240 8.23 -27.52 5.53
C CYS B 240 9.56 -28.06 6.02
N GLN B 241 10.65 -27.64 5.39
CA GLN B 241 11.97 -28.05 5.86
C GLN B 241 12.22 -27.58 7.28
N LEU B 242 11.80 -26.35 7.60
CA LEU B 242 11.97 -25.83 8.95
C LEU B 242 11.15 -26.64 9.95
N GLU B 243 9.93 -27.02 9.58
CA GLU B 243 9.12 -27.86 10.45
C GLU B 243 9.81 -29.21 10.70
N GLU B 244 10.37 -29.81 9.65
CA GLU B 244 11.09 -31.07 9.83
C GLU B 244 12.27 -30.88 10.78
N TYR B 245 13.03 -29.80 10.61
CA TYR B 245 14.16 -29.53 11.50
C TYR B 245 13.68 -29.36 12.94
N LYS B 246 12.57 -28.64 13.12
CA LYS B 246 12.02 -28.47 14.47
C LYS B 246 11.65 -29.80 15.07
N HIS B 247 11.02 -30.68 14.29
CA HIS B 247 10.68 -32.00 14.79
C HIS B 247 11.93 -32.77 15.20
N THR B 248 13.00 -32.68 14.41
CA THR B 248 14.21 -33.42 14.72
C THR B 248 15.00 -32.80 15.86
N HIS B 249 14.82 -31.50 16.12
CA HIS B 249 15.64 -30.81 17.13
C HIS B 249 14.78 -30.20 18.23
N ASN B 250 13.83 -30.97 18.76
CA ASN B 250 13.05 -30.60 19.93
C ASN B 250 12.15 -29.40 19.69
N GLY B 251 11.94 -29.02 18.42
CA GLY B 251 10.99 -27.98 18.10
C GLY B 251 11.59 -26.61 17.96
N GLN B 252 12.81 -26.42 18.45
CA GLN B 252 13.45 -25.12 18.40
C GLN B 252 14.44 -25.03 17.25
N LEU B 253 14.41 -23.91 16.55
CA LEU B 253 15.37 -23.59 15.50
C LEU B 253 16.63 -23.02 16.12
N PRO B 254 17.75 -23.06 15.41
CA PRO B 254 18.96 -22.43 15.95
C PRO B 254 18.73 -20.95 16.21
N HIS B 255 19.24 -20.47 17.34
CA HIS B 255 18.96 -19.13 17.83
C HIS B 255 20.16 -18.23 17.59
N TYR B 256 20.00 -17.26 16.70
CA TYR B 256 20.99 -16.21 16.46
C TYR B 256 20.29 -14.87 16.62
N SER B 257 20.87 -13.99 17.44
CA SER B 257 20.26 -12.70 17.71
C SER B 257 21.34 -11.67 17.98
N LEU B 258 21.02 -10.41 17.65
CA LEU B 258 21.89 -9.27 17.94
C LEU B 258 23.29 -9.50 17.38
N GLU B 259 23.35 -9.81 16.09
CA GLU B 259 24.61 -9.95 15.36
C GLU B 259 24.63 -8.94 14.21
N THR B 260 25.68 -9.01 13.39
CA THR B 260 25.81 -8.10 12.26
C THR B 260 26.23 -8.85 11.01
N ARG B 261 25.94 -8.28 9.84
N ARG B 261 25.96 -8.27 9.85
CA ARG B 261 26.30 -8.90 8.57
CA ARG B 261 26.25 -8.91 8.57
C ARG B 261 26.29 -7.86 7.45
C ARG B 261 26.29 -7.87 7.45
N ALA B 262 26.37 -8.32 6.20
CA ALA B 262 26.36 -7.49 5.00
C ALA B 262 27.70 -6.84 4.71
N LYS B 263 28.77 -7.22 5.41
CA LYS B 263 30.09 -6.70 5.09
C LYS B 263 30.40 -6.93 3.61
N MET B 264 31.16 -6.02 3.02
CA MET B 264 31.46 -6.06 1.59
C MET B 264 30.16 -6.06 0.79
N ARG B 265 29.82 -7.18 0.17
CA ARG B 265 28.63 -7.26 -0.67
C ARG B 265 27.38 -7.42 0.20
#